data_7UNT
#
_entry.id   7UNT
#
_cell.length_a   1.00
_cell.length_b   1.00
_cell.length_c   1.00
_cell.angle_alpha   90.00
_cell.angle_beta   90.00
_cell.angle_gamma   90.00
#
_symmetry.space_group_name_H-M   'P 1'
#
loop_
_entity.id
_entity.type
_entity.pdbx_description
1 polymer 'Translation initiation factor IF-2'
2 non-polymer "GUANOSINE-5'-DIPHOSPHATE"
#
_entity_poly.entity_id   1
_entity_poly.type   'polypeptide(L)'
_entity_poly.pdbx_seq_one_letter_code
;MTQVTVKELAQVVDTPVERLLLQMRDAGLPHTSAEQVVTDSEKQALLTHLKGSHGDRASEPRKITLQRKTTTTLKVGGSK
TVSVEVRKKKTYVKRSPDEIEAERQRELEEQRAAEEAERLKAEEAAARQRAEEEARKAEEAARAKAAQEAAATAGAEPAV
VADVAVAEPVAKPAAVEERKKEEPRRVPKRDEDDDRRDRKHTQHRPSVKEKEKVPAPRVAPRSTDEESDGYRRGGRGGKS
KLKKRNQHGFQNPTGPIVREVNIGETITVAELAAQMSVKGAEVVKFMFKMGSPVTINQVLDQETAQLVAEELGHKVKLVS
ENALEEQLAESLKFEGEAVTRAPVVTVMGHVDHGKTSLLDYIRRAKVAAGEAGGITQHIGAYHVETERGMVTFLDTPGHA
AFTAMRARGAQATDIVILVVAADDGVMPQTQEAVQHAKAAGVPIVVAVNKIDKPEANPDNIKNGLAALDVIPEEWGGDAP
FVPVSAKLGTGVDELLEAVLLQAEVLELKATPSAPGRGVVVESRLDKGRGPVATVLVQDGTLRQGDMVLVGINYGRVRAM
LDENGKPIKEAGPSIPVEILGLDGTPDAGDEMTVVADEKKAREVALFRQGKFREVKLARAHAGKLENIFENMGQEEKKTL
NIVLKADVRGSLEALQGSLSGLGNDEVQVRVVGGGVGGITESDANLALASNAVLFGFNVRADAGARKIVEAEGLDMRYYN
VIYDIIEDVKKALTGMLGSDLRENILGIAEVRDVFRSPKFGAIAGCMVTEGMVHRNRPIRVLRDDVVIFEGELESLRRFK
DDVAEVRAGMECGIGVKSYNDVKVGDKIEVFEKVEVARSL
;
_entity_poly.pdbx_strand_id   x
#
loop_
_chem_comp.id
_chem_comp.type
_chem_comp.name
_chem_comp.formula
GDP RNA linking GUANOSINE-5'-DIPHOSPHATE 'C10 H15 N5 O11 P2'
#
# COMPACT_ATOMS: atom_id res chain seq x y z
N ALA A 342 14.84 21.66 -6.67
CA ALA A 342 13.81 21.68 -5.63
C ALA A 342 12.97 20.41 -5.69
N PRO A 343 13.50 19.33 -5.11
CA PRO A 343 12.76 18.04 -5.14
C PRO A 343 11.55 18.03 -4.23
N VAL A 344 10.88 16.89 -4.16
CA VAL A 344 9.74 16.67 -3.27
C VAL A 344 10.09 15.50 -2.34
N VAL A 345 9.90 15.71 -1.05
CA VAL A 345 10.32 14.75 -0.03
C VAL A 345 9.10 14.12 0.62
N THR A 346 9.16 12.81 0.82
CA THR A 346 8.15 12.08 1.57
C THR A 346 8.82 11.38 2.75
N VAL A 347 8.23 11.51 3.93
CA VAL A 347 8.80 10.94 5.14
C VAL A 347 8.20 9.55 5.35
N MET A 348 9.06 8.57 5.58
CA MET A 348 8.66 7.17 5.67
C MET A 348 9.40 6.50 6.82
N GLY A 349 8.70 5.69 7.59
CA GLY A 349 9.34 4.99 8.69
C GLY A 349 8.34 4.17 9.49
N HIS A 350 8.88 3.50 10.50
CA HIS A 350 8.07 2.69 11.40
C HIS A 350 7.24 3.58 12.32
N VAL A 351 6.15 3.01 12.83
CA VAL A 351 5.27 3.76 13.72
C VAL A 351 5.99 4.10 15.01
N ASP A 352 5.74 5.30 15.53
CA ASP A 352 6.33 5.78 16.78
C ASP A 352 7.86 5.82 16.71
N HIS A 353 8.38 6.25 15.56
CA HIS A 353 9.82 6.41 15.41
C HIS A 353 10.26 7.86 15.23
N GLY A 354 9.36 8.76 14.84
CA GLY A 354 9.72 10.16 14.80
C GLY A 354 9.43 10.88 13.50
N LYS A 355 8.62 10.28 12.63
CA LYS A 355 8.32 10.91 11.35
C LYS A 355 7.59 12.24 11.55
N THR A 356 6.50 12.22 12.31
CA THR A 356 5.75 13.44 12.56
C THR A 356 6.57 14.46 13.35
N SER A 357 7.32 13.99 14.34
CA SER A 357 8.16 14.89 15.13
C SER A 357 9.22 15.57 14.26
N LEU A 358 9.87 14.79 13.40
CA LEU A 358 10.90 15.36 12.52
C LEU A 358 10.29 16.34 11.54
N LEU A 359 9.14 16.00 10.95
CA LEU A 359 8.49 16.91 10.02
C LEU A 359 8.10 18.22 10.71
N ASP A 360 7.53 18.12 11.91
CA ASP A 360 7.12 19.31 12.64
C ASP A 360 8.32 20.17 13.01
N TYR A 361 9.42 19.54 13.47
CA TYR A 361 10.60 20.31 13.83
C TYR A 361 11.18 21.01 12.61
N ILE A 362 11.23 20.31 11.47
CA ILE A 362 11.76 20.92 10.25
C ILE A 362 10.90 22.10 9.83
N ARG A 363 9.57 21.94 9.89
CA ARG A 363 8.69 23.04 9.51
C ARG A 363 8.83 24.22 10.46
N ARG A 364 8.95 23.96 11.76
CA ARG A 364 9.03 25.04 12.74
C ARG A 364 10.36 25.77 12.66
N ALA A 365 11.45 25.06 12.33
CA ALA A 365 12.75 25.70 12.28
C ALA A 365 12.79 26.80 11.22
N LYS A 366 12.21 26.55 10.05
CA LYS A 366 12.20 27.54 8.98
C LYS A 366 10.81 27.71 8.41
N GLN A 377 -3.09 24.81 10.45
CA GLN A 377 -2.77 25.25 9.10
C GLN A 377 -2.31 24.07 8.24
N HIS A 378 -2.87 22.89 8.50
CA HIS A 378 -2.49 21.68 7.79
C HIS A 378 -3.32 21.55 6.52
N ILE A 379 -2.66 21.60 5.37
CA ILE A 379 -3.31 21.48 4.08
C ILE A 379 -2.91 20.17 3.38
N GLY A 380 -1.67 19.74 3.55
CA GLY A 380 -1.20 18.52 2.92
C GLY A 380 0.24 18.58 2.47
N ALA A 381 0.82 19.78 2.44
CA ALA A 381 2.20 19.95 2.01
C ALA A 381 2.74 21.25 2.58
N TYR A 382 4.07 21.37 2.58
CA TYR A 382 4.72 22.58 3.04
C TYR A 382 6.10 22.66 2.39
N HIS A 383 6.72 23.83 2.51
CA HIS A 383 8.00 24.08 1.85
C HIS A 383 8.91 24.86 2.79
N VAL A 384 10.22 24.70 2.57
CA VAL A 384 11.25 25.35 3.37
C VAL A 384 12.31 25.86 2.42
N GLU A 385 12.76 27.10 2.64
CA GLU A 385 13.76 27.75 1.81
C GLU A 385 15.13 27.63 2.47
N THR A 386 16.10 27.13 1.73
CA THR A 386 17.46 26.94 2.23
C THR A 386 18.44 27.53 1.22
N GLU A 387 19.62 27.93 1.72
CA GLU A 387 20.61 28.55 0.86
C GLU A 387 21.04 27.61 -0.26
N ARG A 388 21.21 26.32 0.05
CA ARG A 388 21.56 25.35 -0.98
C ARG A 388 20.42 25.16 -1.97
N GLY A 389 19.18 25.39 -1.54
CA GLY A 389 18.04 25.25 -2.42
C GLY A 389 16.74 24.96 -1.69
N MET A 390 15.63 25.44 -2.24
CA MET A 390 14.32 25.21 -1.64
C MET A 390 13.98 23.72 -1.69
N VAL A 391 13.37 23.23 -0.60
CA VAL A 391 12.97 21.83 -0.50
C VAL A 391 11.60 21.76 0.13
N THR A 392 10.75 20.87 -0.39
CA THR A 392 9.38 20.77 0.09
C THR A 392 9.10 19.37 0.61
N PHE A 393 8.09 19.27 1.47
CA PHE A 393 7.70 18.02 2.11
C PHE A 393 6.19 17.87 2.03
N LEU A 394 5.73 16.62 2.08
CA LEU A 394 4.31 16.30 2.14
C LEU A 394 3.91 16.06 3.59
N ASP A 395 2.76 16.60 3.97
CA ASP A 395 2.33 16.56 5.37
C ASP A 395 2.13 15.13 5.85
N THR A 396 1.38 14.34 5.08
CA THR A 396 1.06 12.98 5.50
C THR A 396 2.24 12.06 5.26
N PRO A 397 2.81 11.44 6.29
CA PRO A 397 3.92 10.50 6.08
C PRO A 397 3.43 9.08 5.85
N GLY A 398 4.36 8.14 5.71
CA GLY A 398 4.01 6.75 5.57
C GLY A 398 3.92 6.27 4.13
N HIS A 399 4.28 5.01 3.91
CA HIS A 399 4.24 4.45 2.56
C HIS A 399 2.81 4.21 2.09
N ALA A 400 1.87 4.03 3.02
CA ALA A 400 0.50 3.72 2.65
C ALA A 400 -0.12 4.85 1.83
N ALA A 401 0.07 6.10 2.26
CA ALA A 401 -0.42 7.24 1.50
C ALA A 401 0.46 7.53 0.30
N PHE A 402 1.75 7.20 0.36
CA PHE A 402 2.65 7.46 -0.76
C PHE A 402 2.29 6.60 -1.97
N THR A 403 2.01 5.31 -1.75
CA THR A 403 1.73 4.43 -2.87
C THR A 403 0.30 4.56 -3.40
N ALA A 404 -0.63 5.07 -2.59
CA ALA A 404 -2.01 5.20 -3.06
C ALA A 404 -2.09 6.15 -4.24
N MET A 405 -1.40 7.29 -4.15
CA MET A 405 -1.37 8.23 -5.26
C MET A 405 -0.38 7.80 -6.34
N ARG A 406 0.62 7.00 -5.98
CA ARG A 406 1.48 6.38 -6.98
C ARG A 406 0.69 5.50 -7.93
N ALA A 407 -0.31 4.79 -7.40
CA ALA A 407 -1.06 3.81 -8.19
C ALA A 407 -1.80 4.44 -9.37
N ARG A 408 -1.99 5.75 -9.39
CA ARG A 408 -2.68 6.43 -10.48
C ARG A 408 -1.70 7.15 -11.41
N GLY A 409 -0.45 6.70 -11.43
CA GLY A 409 0.53 7.26 -12.34
C GLY A 409 0.93 8.69 -12.03
N ALA A 410 0.65 9.14 -10.81
CA ALA A 410 0.98 10.52 -10.45
C ALA A 410 2.48 10.73 -10.40
N GLN A 411 3.21 9.83 -9.74
CA GLN A 411 4.67 9.92 -9.57
C GLN A 411 5.05 11.30 -9.06
N ALA A 412 4.60 11.60 -7.84
CA ALA A 412 4.89 12.88 -7.21
C ALA A 412 5.99 12.79 -6.16
N THR A 413 7.00 11.96 -6.40
CA THR A 413 8.10 11.78 -5.45
C THR A 413 9.43 11.91 -6.18
N ASP A 414 10.38 12.53 -5.48
CA ASP A 414 11.76 12.62 -5.97
C ASP A 414 12.75 11.96 -5.03
N ILE A 415 12.70 12.28 -3.74
CA ILE A 415 13.59 11.71 -2.73
C ILE A 415 12.76 11.29 -1.54
N VAL A 416 13.12 10.13 -0.97
CA VAL A 416 12.43 9.59 0.20
C VAL A 416 13.46 9.36 1.29
N ILE A 417 13.03 9.60 2.53
CA ILE A 417 13.89 9.49 3.70
C ILE A 417 13.27 8.51 4.68
N LEU A 418 14.06 7.51 5.09
CA LEU A 418 13.70 6.62 6.17
C LEU A 418 14.21 7.17 7.50
N VAL A 419 13.39 7.07 8.53
CA VAL A 419 13.78 7.45 9.88
C VAL A 419 13.71 6.21 10.75
N VAL A 420 14.84 5.86 11.37
CA VAL A 420 14.89 4.72 12.28
C VAL A 420 15.41 5.21 13.62
N ALA A 421 15.47 4.31 14.60
CA ALA A 421 15.92 4.65 15.95
C ALA A 421 17.05 3.72 16.36
N ALA A 422 18.00 4.27 17.13
CA ALA A 422 19.10 3.44 17.63
C ALA A 422 18.59 2.33 18.54
N ASP A 423 17.62 2.64 19.39
CA ASP A 423 16.88 1.64 20.14
C ASP A 423 15.81 1.04 19.23
N ASP A 424 15.45 -0.21 19.52
CA ASP A 424 14.38 -0.97 18.85
C ASP A 424 14.24 -0.59 17.37
N GLY A 425 15.36 -0.72 16.64
CA GLY A 425 15.44 -0.30 15.27
C GLY A 425 15.08 -1.39 14.28
N VAL A 426 14.97 -0.97 13.01
CA VAL A 426 14.66 -1.81 11.85
C VAL A 426 13.57 -2.83 12.17
N MET A 427 12.35 -2.35 12.34
CA MET A 427 11.18 -3.19 12.53
C MET A 427 10.60 -3.60 11.18
N PRO A 428 9.70 -4.59 11.17
CA PRO A 428 9.17 -5.08 9.89
C PRO A 428 8.53 -4.00 9.02
N GLN A 429 7.85 -3.03 9.62
CA GLN A 429 7.26 -1.95 8.83
C GLN A 429 8.33 -1.09 8.15
N THR A 430 9.52 -0.98 8.74
CA THR A 430 10.62 -0.30 8.05
C THR A 430 11.01 -1.06 6.78
N GLN A 431 11.07 -2.39 6.85
CA GLN A 431 11.36 -3.18 5.66
C GLN A 431 10.26 -3.05 4.63
N GLU A 432 9.00 -3.01 5.07
CA GLU A 432 7.90 -2.81 4.13
C GLU A 432 8.00 -1.44 3.47
N ALA A 433 8.37 -0.42 4.24
CA ALA A 433 8.53 0.92 3.68
C ALA A 433 9.66 0.98 2.66
N VAL A 434 10.79 0.33 2.95
CA VAL A 434 11.89 0.38 1.99
C VAL A 434 11.53 -0.42 0.74
N GLN A 435 10.76 -1.51 0.88
CA GLN A 435 10.25 -2.21 -0.29
C GLN A 435 9.35 -1.31 -1.12
N HIS A 436 8.46 -0.56 -0.47
CA HIS A 436 7.57 0.35 -1.18
C HIS A 436 8.36 1.44 -1.89
N ALA A 437 9.44 1.93 -1.27
CA ALA A 437 10.24 2.98 -1.89
C ALA A 437 11.03 2.44 -3.07
N LYS A 438 11.53 1.21 -2.98
CA LYS A 438 12.31 0.64 -4.07
C LYS A 438 11.44 0.19 -5.23
N ALA A 439 10.18 -0.20 -4.98
CA ALA A 439 9.33 -0.70 -6.06
C ALA A 439 9.15 0.35 -7.14
N ALA A 440 8.86 1.59 -6.75
CA ALA A 440 8.84 2.68 -7.73
C ALA A 440 10.25 2.96 -8.24
N GLY A 441 11.19 3.11 -7.32
CA GLY A 441 12.57 3.39 -7.66
C GLY A 441 12.93 4.84 -7.45
N VAL A 442 13.53 5.14 -6.30
CA VAL A 442 13.99 6.47 -5.92
C VAL A 442 15.18 6.27 -4.99
N PRO A 443 16.12 7.21 -4.93
CA PRO A 443 17.16 7.12 -3.90
C PRO A 443 16.53 7.19 -2.52
N ILE A 444 17.10 6.42 -1.59
CA ILE A 444 16.61 6.37 -0.21
C ILE A 444 17.70 6.96 0.68
N VAL A 445 17.33 7.98 1.46
CA VAL A 445 18.24 8.58 2.44
C VAL A 445 17.75 8.18 3.82
N VAL A 446 18.59 7.50 4.58
CA VAL A 446 18.21 7.01 5.89
C VAL A 446 18.77 7.94 6.95
N ALA A 447 18.16 7.90 8.14
CA ALA A 447 18.57 8.77 9.24
C ALA A 447 18.19 8.09 10.54
N VAL A 448 19.14 7.98 11.47
CA VAL A 448 18.84 7.43 12.78
C VAL A 448 18.31 8.56 13.67
N ASN A 449 17.12 8.37 14.23
CA ASN A 449 16.45 9.45 14.93
C ASN A 449 16.79 9.47 16.42
N LYS A 450 16.47 8.39 17.12
CA LYS A 450 16.65 8.35 18.58
C LYS A 450 18.10 8.02 18.91
N ILE A 451 18.97 9.01 18.70
CA ILE A 451 20.38 8.91 19.05
C ILE A 451 20.61 9.74 20.31
N ASP A 452 19.53 10.06 21.01
CA ASP A 452 19.55 10.83 22.24
C ASP A 452 19.00 9.99 23.40
N LYS A 453 19.46 8.75 23.48
CA LYS A 453 18.95 7.75 24.41
C LYS A 453 20.08 7.27 25.30
N PRO A 454 19.76 6.61 26.42
CA PRO A 454 20.82 6.16 27.34
C PRO A 454 21.67 5.04 26.75
N GLU A 455 22.65 5.42 25.93
CA GLU A 455 23.58 4.50 25.28
C GLU A 455 22.82 3.49 24.41
N ALA A 456 22.19 4.04 23.38
CA ALA A 456 21.63 3.26 22.28
C ALA A 456 22.57 3.39 21.09
N ASN A 457 23.15 2.25 20.68
CA ASN A 457 24.24 2.27 19.72
C ASN A 457 23.70 2.29 18.30
N PRO A 458 23.99 3.32 17.51
CA PRO A 458 23.61 3.31 16.08
C PRO A 458 24.60 2.52 15.22
N ASP A 459 24.82 1.27 15.61
CA ASP A 459 25.76 0.39 14.91
C ASP A 459 25.09 -0.87 14.37
N ASN A 460 24.14 -1.45 15.11
CA ASN A 460 23.41 -2.59 14.58
C ASN A 460 22.43 -2.17 13.49
N ILE A 461 22.04 -0.90 13.45
CA ILE A 461 21.16 -0.42 12.37
C ILE A 461 21.85 -0.57 11.03
N LYS A 462 23.13 -0.21 10.96
CA LYS A 462 23.82 -0.21 9.67
C LYS A 462 23.89 -1.61 9.07
N ASN A 463 24.38 -2.58 9.84
CA ASN A 463 24.52 -3.94 9.33
C ASN A 463 23.22 -4.73 9.43
N GLY A 464 22.16 -4.14 9.98
CA GLY A 464 20.84 -4.74 9.90
C GLY A 464 20.12 -4.31 8.64
N LEU A 465 20.28 -3.04 8.27
CA LEU A 465 19.71 -2.52 7.04
C LEU A 465 20.58 -2.84 5.82
N ALA A 466 21.83 -3.27 6.03
CA ALA A 466 22.68 -3.64 4.91
C ALA A 466 22.10 -4.82 4.14
N ALA A 467 21.55 -5.81 4.84
CA ALA A 467 20.97 -6.95 4.16
C ALA A 467 19.54 -6.62 3.71
N LEU A 468 19.38 -5.45 3.09
CA LEU A 468 18.12 -5.06 2.45
C LEU A 468 18.37 -4.26 1.18
N ASP A 469 19.57 -4.35 0.61
CA ASP A 469 19.99 -3.55 -0.53
C ASP A 469 19.96 -2.05 -0.21
N VAL A 470 20.29 -1.72 1.04
CA VAL A 470 20.37 -0.34 1.51
C VAL A 470 21.80 -0.13 2.02
N ILE A 471 22.76 -0.75 1.34
CA ILE A 471 24.15 -0.79 1.79
C ILE A 471 24.67 0.64 1.97
N PRO A 472 25.32 0.95 3.08
CA PRO A 472 25.79 2.32 3.32
C PRO A 472 27.05 2.63 2.52
N GLU A 473 27.53 3.87 2.68
CA GLU A 473 28.70 4.31 1.93
C GLU A 473 29.97 3.61 2.40
N GLU A 474 30.17 3.51 3.71
CA GLU A 474 31.38 2.88 4.23
C GLU A 474 31.43 1.39 3.96
N TRP A 475 30.30 0.78 3.60
CA TRP A 475 30.27 -0.65 3.29
C TRP A 475 30.49 -0.90 1.80
N GLY A 476 29.61 -0.35 0.95
CA GLY A 476 29.72 -0.54 -0.48
C GLY A 476 29.55 0.73 -1.28
N GLY A 477 29.10 1.81 -0.64
CA GLY A 477 28.90 3.06 -1.33
C GLY A 477 27.62 3.12 -2.15
N ASP A 478 26.47 2.98 -1.49
CA ASP A 478 25.20 3.03 -2.19
C ASP A 478 24.21 4.03 -1.61
N ALA A 479 24.15 4.15 -0.28
CA ALA A 479 23.21 5.04 0.38
C ALA A 479 23.88 5.74 1.55
N PRO A 480 23.45 6.95 1.87
CA PRO A 480 24.04 7.67 3.00
C PRO A 480 23.31 7.43 4.32
N PHE A 481 24.07 7.51 5.40
CA PHE A 481 23.55 7.37 6.76
C PHE A 481 23.86 8.63 7.54
N VAL A 482 22.87 9.17 8.24
CA VAL A 482 23.07 10.39 9.02
C VAL A 482 22.50 10.25 10.41
N PRO A 483 23.24 10.67 11.44
CA PRO A 483 22.66 10.78 12.80
C PRO A 483 21.91 12.10 12.95
N VAL A 484 20.63 12.00 13.26
CA VAL A 484 19.78 13.15 13.52
C VAL A 484 19.07 12.93 14.85
N SER A 485 18.45 14.01 15.35
CA SER A 485 17.68 13.92 16.59
C SER A 485 16.68 15.07 16.60
N ALA A 486 15.41 14.74 16.42
CA ALA A 486 14.38 15.78 16.44
C ALA A 486 14.26 16.42 17.82
N LYS A 487 14.35 15.62 18.88
CA LYS A 487 14.25 16.15 20.23
C LYS A 487 15.45 17.02 20.58
N LEU A 488 16.66 16.51 20.33
CA LEU A 488 17.87 17.26 20.67
C LEU A 488 18.13 18.39 19.68
N GLY A 489 17.87 18.15 18.39
CA GLY A 489 18.09 19.13 17.36
C GLY A 489 19.38 18.94 16.57
N THR A 490 20.31 18.14 17.08
CA THR A 490 21.59 17.94 16.43
C THR A 490 21.42 16.97 15.25
N GLY A 491 21.68 17.45 14.05
CA GLY A 491 21.58 16.63 12.85
C GLY A 491 20.70 17.20 11.76
N VAL A 492 19.99 18.31 11.99
CA VAL A 492 19.13 18.87 10.95
C VAL A 492 19.96 19.36 9.76
N ASP A 493 21.08 20.03 10.04
CA ASP A 493 21.90 20.59 8.98
C ASP A 493 22.42 19.48 8.06
N GLU A 494 22.94 18.40 8.66
CA GLU A 494 23.47 17.30 7.87
C GLU A 494 22.38 16.68 6.99
N LEU A 495 21.18 16.49 7.55
CA LEU A 495 20.09 15.91 6.78
C LEU A 495 19.67 16.81 5.62
N LEU A 496 19.58 18.12 5.86
CA LEU A 496 19.17 19.03 4.78
C LEU A 496 20.25 19.19 3.73
N GLU A 497 21.53 19.00 4.09
CA GLU A 497 22.55 19.00 3.05
C GLU A 497 22.56 17.68 2.28
N ALA A 498 22.28 16.57 2.96
CA ALA A 498 22.33 15.27 2.30
C ALA A 498 21.12 15.03 1.40
N VAL A 499 19.97 15.62 1.72
CA VAL A 499 18.78 15.42 0.89
C VAL A 499 18.99 16.04 -0.49
N LEU A 500 19.71 17.16 -0.55
CA LEU A 500 20.03 17.80 -1.82
C LEU A 500 21.28 17.20 -2.47
N LEU A 501 22.26 16.80 -1.65
CA LEU A 501 23.48 16.20 -2.21
C LEU A 501 23.18 14.89 -2.94
N GLN A 502 22.28 14.06 -2.38
CA GLN A 502 21.90 12.82 -3.03
C GLN A 502 20.89 13.03 -4.16
N ALA A 503 20.34 14.24 -4.30
CA ALA A 503 19.54 14.59 -5.46
C ALA A 503 20.49 15.10 -6.54
N GLU A 504 21.12 14.16 -7.24
CA GLU A 504 22.16 14.45 -8.20
C GLU A 504 21.78 13.91 -9.57
N VAL A 505 20.56 14.19 -9.98
CA VAL A 505 20.10 13.93 -11.33
C VAL A 505 20.06 15.26 -12.05
N LEU A 506 19.83 15.23 -13.37
CA LEU A 506 19.84 16.44 -14.17
C LEU A 506 18.91 17.51 -13.59
N GLU A 507 17.70 17.12 -13.19
CA GLU A 507 16.73 18.02 -12.58
C GLU A 507 16.40 19.20 -13.48
N LEU A 508 16.42 18.98 -14.80
CA LEU A 508 16.02 20.01 -15.75
C LEU A 508 14.51 20.10 -15.85
N LYS A 509 14.02 20.78 -16.89
CA LYS A 509 12.59 21.01 -17.10
C LYS A 509 12.02 21.88 -15.99
N ALA A 510 10.77 21.65 -15.62
CA ALA A 510 10.05 22.49 -14.66
C ALA A 510 10.12 23.95 -15.08
N THR A 511 9.91 24.19 -16.37
CA THR A 511 10.00 25.53 -16.94
C THR A 511 8.89 26.41 -16.38
N PRO A 512 9.21 27.61 -15.88
CA PRO A 512 8.15 28.49 -15.33
C PRO A 512 7.08 28.84 -16.34
N SER A 513 7.49 29.39 -17.49
CA SER A 513 6.55 29.77 -18.54
C SER A 513 6.11 28.52 -19.27
N ALA A 514 5.01 27.93 -18.80
CA ALA A 514 4.50 26.68 -19.36
C ALA A 514 3.04 26.55 -18.99
N PRO A 515 2.26 25.75 -19.72
CA PRO A 515 0.86 25.51 -19.34
C PRO A 515 0.79 24.77 -18.02
N GLY A 516 -0.32 25.00 -17.31
CA GLY A 516 -0.54 24.40 -16.00
C GLY A 516 -0.47 22.88 -16.01
N ARG A 517 0.29 22.32 -15.06
CA ARG A 517 0.43 20.87 -14.97
C ARG A 517 0.86 20.53 -13.55
N GLY A 518 -0.07 19.95 -12.78
CA GLY A 518 0.20 19.60 -11.40
C GLY A 518 -0.56 18.35 -10.99
N VAL A 519 -0.36 17.94 -9.75
CA VAL A 519 -1.01 16.76 -9.19
C VAL A 519 -1.72 17.15 -7.90
N VAL A 520 -2.91 16.58 -7.69
CA VAL A 520 -3.66 16.86 -6.48
C VAL A 520 -3.08 16.05 -5.32
N VAL A 521 -3.29 16.55 -4.10
CA VAL A 521 -2.73 15.92 -2.92
C VAL A 521 -3.84 15.57 -1.94
N GLU A 522 -4.60 16.57 -1.48
CA GLU A 522 -5.63 16.38 -0.48
C GLU A 522 -6.88 17.14 -0.91
N SER A 523 -7.95 16.39 -1.19
CA SER A 523 -9.22 16.98 -1.62
C SER A 523 -10.15 17.08 -0.41
N ARG A 524 -9.86 18.05 0.45
CA ARG A 524 -10.65 18.26 1.66
C ARG A 524 -11.96 18.98 1.35
N VAL A 532 -12.81 22.76 -2.32
CA VAL A 532 -11.47 23.07 -1.82
C VAL A 532 -10.56 21.87 -2.01
N ALA A 533 -9.33 22.12 -2.47
CA ALA A 533 -8.33 21.08 -2.64
C ALA A 533 -6.96 21.73 -2.62
N THR A 534 -5.92 20.91 -2.69
CA THR A 534 -4.55 21.39 -2.78
C THR A 534 -3.83 20.65 -3.90
N VAL A 535 -2.92 21.36 -4.55
CA VAL A 535 -2.12 20.80 -5.64
C VAL A 535 -0.68 21.27 -5.50
N LEU A 536 0.25 20.37 -5.78
CA LEU A 536 1.68 20.68 -5.85
C LEU A 536 2.06 20.60 -7.33
N VAL A 537 2.13 21.76 -7.98
CA VAL A 537 2.31 21.80 -9.42
C VAL A 537 3.70 21.30 -9.79
N GLN A 538 3.78 20.53 -10.88
CA GLN A 538 5.05 20.04 -11.38
C GLN A 538 5.65 20.98 -12.42
N ASP A 539 4.86 21.33 -13.44
CA ASP A 539 5.33 22.20 -14.52
C ASP A 539 4.27 23.25 -14.81
N GLY A 540 4.73 24.47 -15.11
CA GLY A 540 3.84 25.55 -15.48
C GLY A 540 3.55 26.51 -14.36
N THR A 541 2.61 27.41 -14.62
CA THR A 541 2.20 28.43 -13.68
C THR A 541 0.69 28.34 -13.51
N LEU A 542 0.21 28.76 -12.34
CA LEU A 542 -1.19 28.60 -11.94
C LEU A 542 -1.80 29.95 -11.59
N ARG A 543 -1.63 30.93 -12.49
CA ARG A 543 -2.24 32.23 -12.30
C ARG A 543 -3.75 32.11 -12.16
N GLN A 544 -4.31 32.75 -11.14
CA GLN A 544 -5.72 32.62 -10.84
C GLN A 544 -6.57 33.33 -11.89
N GLY A 545 -7.82 32.88 -12.00
CA GLY A 545 -8.77 33.45 -12.93
C GLY A 545 -8.94 32.68 -14.22
N ASP A 546 -7.98 31.82 -14.57
CA ASP A 546 -8.07 31.03 -15.78
C ASP A 546 -8.80 29.72 -15.53
N MET A 547 -9.45 29.20 -16.58
CA MET A 547 -10.14 27.93 -16.48
C MET A 547 -9.16 26.80 -16.21
N VAL A 548 -9.58 25.84 -15.40
CA VAL A 548 -8.73 24.74 -14.95
C VAL A 548 -9.52 23.44 -15.00
N LEU A 549 -8.85 22.37 -15.41
CA LEU A 549 -9.40 21.02 -15.39
C LEU A 549 -8.59 20.21 -14.37
N VAL A 550 -9.20 19.95 -13.21
CA VAL A 550 -8.51 19.26 -12.12
C VAL A 550 -9.00 17.83 -12.03
N GLY A 551 -8.26 16.90 -12.64
CA GLY A 551 -8.77 15.54 -12.75
C GLY A 551 -10.03 15.52 -13.60
N ILE A 552 -11.01 14.75 -13.15
CA ILE A 552 -12.33 14.75 -13.80
C ILE A 552 -13.15 15.83 -13.10
N ASN A 553 -12.92 17.07 -13.52
CA ASN A 553 -13.52 18.25 -12.89
C ASN A 553 -13.14 19.50 -13.68
N TYR A 554 -14.00 20.51 -13.67
CA TYR A 554 -13.72 21.78 -14.33
C TYR A 554 -14.06 22.93 -13.38
N GLY A 555 -13.36 24.04 -13.54
CA GLY A 555 -13.65 25.19 -12.71
C GLY A 555 -12.77 26.37 -13.05
N ARG A 556 -12.81 27.36 -12.17
CA ARG A 556 -11.98 28.56 -12.29
C ARG A 556 -11.31 28.81 -10.95
N VAL A 557 -10.13 29.41 -11.01
CA VAL A 557 -9.33 29.66 -9.81
C VAL A 557 -9.79 30.97 -9.20
N ARG A 558 -10.57 30.87 -8.12
CA ARG A 558 -11.01 32.03 -7.37
C ARG A 558 -10.18 32.25 -6.10
N ALA A 559 -9.86 31.19 -5.38
CA ALA A 559 -9.02 31.26 -4.19
C ALA A 559 -7.76 30.43 -4.42
N MET A 560 -6.60 31.02 -4.15
CA MET A 560 -5.29 30.44 -4.43
C MET A 560 -4.39 30.55 -3.21
N LEU A 561 -4.90 30.07 -2.08
CA LEU A 561 -4.21 30.26 -0.82
C LEU A 561 -2.90 29.47 -0.77
N ASP A 562 -2.00 29.92 0.11
CA ASP A 562 -0.72 29.26 0.32
C ASP A 562 -0.79 28.37 1.56
N GLU A 563 0.35 27.81 1.94
CA GLU A 563 0.41 26.98 3.14
C GLU A 563 0.10 27.80 4.39
N ASN A 564 0.64 29.02 4.47
CA ASN A 564 0.40 29.89 5.61
C ASN A 564 -0.89 30.69 5.48
N GLY A 565 -1.62 30.54 4.38
CA GLY A 565 -2.87 31.24 4.19
C GLY A 565 -2.75 32.59 3.52
N LYS A 566 -1.54 33.06 3.25
CA LYS A 566 -1.36 34.35 2.58
C LYS A 566 -1.80 34.24 1.13
N PRO A 567 -2.76 35.04 0.68
CA PRO A 567 -3.20 34.94 -0.73
C PRO A 567 -2.07 35.32 -1.68
N ILE A 568 -1.99 34.61 -2.79
CA ILE A 568 -1.02 34.85 -3.84
C ILE A 568 -1.71 34.68 -5.20
N LYS A 569 -0.96 34.93 -6.26
CA LYS A 569 -1.45 34.75 -7.61
C LYS A 569 -0.60 33.84 -8.48
N GLU A 570 0.69 33.66 -8.16
CA GLU A 570 1.59 32.86 -8.96
C GLU A 570 2.04 31.64 -8.17
N ALA A 571 2.20 30.52 -8.87
CA ALA A 571 2.62 29.26 -8.27
C ALA A 571 4.04 28.94 -8.72
N GLY A 572 4.85 28.44 -7.79
CA GLY A 572 6.23 28.12 -8.07
C GLY A 572 6.36 26.88 -8.94
N PRO A 573 7.60 26.50 -9.25
CA PRO A 573 7.82 25.33 -10.11
C PRO A 573 7.46 24.02 -9.40
N SER A 574 7.82 23.91 -8.13
CA SER A 574 7.55 22.73 -7.32
C SER A 574 7.04 23.14 -5.94
N ILE A 575 6.09 24.07 -5.92
CA ILE A 575 5.56 24.59 -4.66
C ILE A 575 4.08 24.22 -4.55
N PRO A 576 3.56 24.02 -3.34
CA PRO A 576 2.14 23.69 -3.19
C PRO A 576 1.27 24.93 -3.08
N VAL A 577 -0.02 24.72 -3.36
CA VAL A 577 -1.01 25.79 -3.26
C VAL A 577 -2.38 25.16 -3.12
N GLU A 578 -3.21 25.76 -2.26
CA GLU A 578 -4.57 25.29 -2.02
C GLU A 578 -5.52 26.11 -2.88
N ILE A 579 -6.21 25.43 -3.80
CA ILE A 579 -7.15 26.07 -4.71
C ILE A 579 -8.57 25.84 -4.18
N LEU A 580 -9.40 26.86 -4.33
CA LEU A 580 -10.80 26.80 -3.94
C LEU A 580 -11.64 27.54 -4.97
N GLY A 581 -12.77 26.93 -5.34
CA GLY A 581 -13.62 27.49 -6.36
C GLY A 581 -14.19 26.43 -7.30
N LEU A 582 -13.69 25.21 -7.18
CA LEU A 582 -14.16 24.12 -8.03
C LEU A 582 -15.57 23.71 -7.63
N ASP A 583 -16.23 22.99 -8.53
CA ASP A 583 -17.61 22.56 -8.31
C ASP A 583 -17.74 21.45 -7.27
N GLY A 584 -16.64 20.81 -6.89
CA GLY A 584 -16.73 19.72 -5.94
C GLY A 584 -15.39 19.23 -5.41
N THR A 585 -15.26 17.91 -5.28
CA THR A 585 -14.06 17.30 -4.70
C THR A 585 -13.56 16.21 -5.63
N PRO A 586 -12.37 16.37 -6.24
CA PRO A 586 -11.80 15.29 -7.05
C PRO A 586 -11.14 14.21 -6.19
N ASP A 587 -10.50 13.25 -6.83
CA ASP A 587 -9.80 12.18 -6.11
C ASP A 587 -8.50 12.71 -5.53
N ALA A 588 -7.70 11.83 -4.94
CA ALA A 588 -6.45 12.22 -4.29
C ALA A 588 -5.22 11.94 -5.14
N GLY A 589 -5.38 11.47 -6.38
CA GLY A 589 -4.25 11.15 -7.21
C GLY A 589 -4.38 11.60 -8.65
N ASP A 590 -5.40 12.39 -8.94
CA ASP A 590 -5.62 12.85 -10.30
C ASP A 590 -4.63 13.96 -10.66
N GLU A 591 -4.67 14.38 -11.92
CA GLU A 591 -3.79 15.41 -12.45
C GLU A 591 -4.61 16.62 -12.89
N MET A 592 -4.01 17.79 -12.79
CA MET A 592 -4.67 19.05 -13.10
C MET A 592 -3.90 19.81 -14.16
N THR A 593 -4.64 20.36 -15.12
CA THR A 593 -4.08 21.15 -16.21
C THR A 593 -4.99 22.35 -16.45
N VAL A 594 -4.69 23.12 -17.50
CA VAL A 594 -5.42 24.33 -17.83
C VAL A 594 -6.12 24.14 -19.17
N VAL A 595 -7.41 24.46 -19.21
CA VAL A 595 -8.20 24.40 -20.44
C VAL A 595 -8.79 25.78 -20.70
N ALA A 596 -9.56 25.91 -21.78
CA ALA A 596 -10.13 27.21 -22.15
C ALA A 596 -11.64 27.16 -22.30
N ASP A 597 -12.16 26.04 -22.81
CA ASP A 597 -13.58 25.91 -23.09
C ASP A 597 -14.22 24.95 -22.11
N GLU A 598 -15.37 25.35 -21.55
CA GLU A 598 -16.09 24.47 -20.64
C GLU A 598 -16.61 23.22 -21.36
N LYS A 599 -17.06 23.38 -22.60
CA LYS A 599 -17.49 22.23 -23.39
C LYS A 599 -16.31 21.28 -23.64
N LYS A 600 -15.12 21.85 -23.87
CA LYS A 600 -13.93 21.03 -24.00
C LYS A 600 -13.67 20.24 -22.71
N ALA A 601 -13.83 20.90 -21.56
CA ALA A 601 -13.62 20.22 -20.28
C ALA A 601 -14.62 19.09 -20.10
N ARG A 602 -15.90 19.34 -20.44
CA ARG A 602 -16.90 18.29 -20.31
C ARG A 602 -16.63 17.12 -21.24
N GLU A 603 -16.24 17.40 -22.48
CA GLU A 603 -15.90 16.33 -23.42
C GLU A 603 -14.71 15.52 -22.93
N VAL A 604 -13.69 16.22 -22.39
CA VAL A 604 -12.53 15.52 -21.84
C VAL A 604 -12.95 14.65 -20.67
N ALA A 605 -13.84 15.16 -19.81
CA ALA A 605 -14.30 14.37 -18.67
C ALA A 605 -15.02 13.11 -19.11
N LEU A 606 -15.92 13.24 -20.10
CA LEU A 606 -16.66 12.07 -20.58
C LEU A 606 -15.72 11.06 -21.27
N PHE A 607 -14.76 11.57 -22.06
CA PHE A 607 -13.77 10.69 -22.65
C PHE A 607 -12.96 9.98 -21.58
N ARG A 608 -12.70 10.67 -20.46
CA ARG A 608 -11.98 10.05 -19.35
C ARG A 608 -12.82 8.96 -18.69
N GLN A 609 -14.12 9.19 -18.52
CA GLN A 609 -14.99 8.11 -18.05
C GLN A 609 -14.88 6.89 -18.95
N GLY A 610 -15.02 7.10 -20.26
CA GLY A 610 -14.96 5.98 -21.18
C GLY A 610 -13.62 5.27 -21.14
N LYS A 611 -12.52 6.04 -21.13
CA LYS A 611 -11.19 5.45 -21.13
C LYS A 611 -10.92 4.67 -19.85
N PHE A 612 -11.33 5.22 -18.70
CA PHE A 612 -11.14 4.51 -17.45
C PHE A 612 -11.95 3.23 -17.40
N ARG A 613 -13.20 3.28 -17.89
CA ARG A 613 -14.02 2.08 -17.91
C ARG A 613 -13.43 1.03 -18.85
N GLU A 614 -12.78 1.45 -19.93
CA GLU A 614 -12.13 0.49 -20.82
C GLU A 614 -10.88 -0.10 -20.16
N VAL A 615 -10.06 0.76 -19.55
CA VAL A 615 -8.80 0.32 -18.97
C VAL A 615 -9.03 -0.61 -17.80
N LYS A 616 -10.09 -0.38 -17.03
CA LYS A 616 -10.37 -1.28 -15.91
C LYS A 616 -10.63 -2.70 -16.40
N LEU A 617 -11.44 -2.85 -17.46
CA LEU A 617 -11.68 -4.18 -18.02
C LEU A 617 -10.42 -4.75 -18.67
N ALA A 618 -9.63 -3.90 -19.33
CA ALA A 618 -8.41 -4.39 -19.95
C ALA A 618 -7.43 -4.91 -18.90
N ARG A 619 -7.33 -4.22 -17.76
CA ARG A 619 -6.47 -4.68 -16.68
C ARG A 619 -7.02 -5.95 -16.05
N ALA A 620 -8.33 -6.01 -15.84
CA ALA A 620 -8.94 -7.21 -15.28
C ALA A 620 -8.82 -8.40 -16.23
N HIS A 621 -8.61 -8.16 -17.51
CA HIS A 621 -8.42 -9.24 -18.48
C HIS A 621 -6.96 -9.67 -18.57
N ALA A 622 -6.09 -8.75 -18.98
CA ALA A 622 -4.69 -9.07 -19.22
C ALA A 622 -3.89 -9.24 -17.94
N GLY A 623 -4.31 -8.62 -16.84
CA GLY A 623 -3.55 -8.68 -15.61
C GLY A 623 -3.71 -9.96 -14.81
N LYS A 624 -4.56 -10.88 -15.25
CA LYS A 624 -4.73 -12.15 -14.55
C LYS A 624 -3.49 -13.02 -14.72
N LEU A 625 -3.33 -13.98 -13.80
CA LEU A 625 -2.24 -14.93 -13.91
C LEU A 625 -2.38 -15.81 -15.14
N GLU A 626 -3.60 -16.01 -15.62
CA GLU A 626 -3.83 -16.86 -16.78
C GLU A 626 -3.30 -16.25 -18.08
N ASN A 627 -3.00 -14.96 -18.10
CA ASN A 627 -2.54 -14.27 -19.29
C ASN A 627 -1.12 -13.75 -19.12
N ILE A 628 -0.24 -14.57 -18.55
CA ILE A 628 1.12 -14.14 -18.29
C ILE A 628 2.00 -14.30 -19.52
N PHE A 629 1.89 -15.45 -20.20
CA PHE A 629 2.76 -15.72 -21.34
C PHE A 629 2.37 -14.90 -22.56
N GLU A 630 1.08 -14.68 -22.78
CA GLU A 630 0.64 -13.97 -23.98
C GLU A 630 0.96 -12.49 -23.90
N ASN A 631 0.41 -11.81 -22.90
CA ASN A 631 0.64 -10.37 -22.73
C ASN A 631 1.93 -10.11 -21.97
N LYS A 637 9.44 -12.09 -21.98
CA LYS A 637 9.99 -11.46 -20.78
C LYS A 637 8.87 -10.90 -19.90
N LYS A 638 8.72 -9.58 -19.95
CA LYS A 638 7.66 -8.84 -19.27
C LYS A 638 7.87 -8.79 -17.76
N THR A 639 8.86 -9.53 -17.26
CA THR A 639 9.27 -9.50 -15.85
C THR A 639 8.07 -9.58 -14.90
N LEU A 640 7.43 -10.74 -14.95
CA LEU A 640 6.25 -10.99 -14.12
C LEU A 640 6.53 -10.67 -12.66
N ASN A 641 5.75 -9.75 -12.10
CA ASN A 641 5.89 -9.31 -10.73
C ASN A 641 4.83 -9.98 -9.86
N ILE A 642 5.23 -10.34 -8.64
CA ILE A 642 4.32 -10.96 -7.68
C ILE A 642 4.42 -10.22 -6.36
N VAL A 643 3.35 -10.29 -5.58
CA VAL A 643 3.29 -9.69 -4.24
C VAL A 643 2.87 -10.81 -3.28
N LEU A 644 3.77 -11.14 -2.35
CA LEU A 644 3.61 -12.32 -1.52
C LEU A 644 3.27 -11.95 -0.08
N LYS A 645 2.31 -12.67 0.49
CA LYS A 645 1.96 -12.54 1.89
C LYS A 645 1.86 -13.94 2.50
N ALA A 646 2.46 -14.12 3.67
CA ALA A 646 2.50 -15.43 4.31
C ALA A 646 2.13 -15.30 5.78
N ASP A 647 1.68 -16.42 6.35
CA ASP A 647 1.26 -16.44 7.74
C ASP A 647 2.45 -16.39 8.70
N VAL A 648 3.55 -17.06 8.36
CA VAL A 648 4.74 -17.09 9.21
C VAL A 648 5.96 -16.76 8.37
N ARG A 649 7.04 -16.37 9.05
CA ARG A 649 8.25 -15.94 8.37
C ARG A 649 8.91 -17.08 7.59
N GLY A 650 8.86 -18.30 8.13
CA GLY A 650 9.48 -19.43 7.44
C GLY A 650 8.82 -19.74 6.11
N SER A 651 7.49 -19.76 6.08
CA SER A 651 6.76 -20.00 4.84
C SER A 651 6.85 -18.83 3.88
N LEU A 652 7.30 -17.66 4.33
CA LEU A 652 7.59 -16.55 3.45
C LEU A 652 8.98 -16.70 2.84
N GLU A 653 9.98 -17.01 3.66
CA GLU A 653 11.34 -17.15 3.16
C GLU A 653 11.45 -18.32 2.20
N ALA A 654 10.77 -19.44 2.51
CA ALA A 654 10.82 -20.60 1.61
C ALA A 654 10.21 -20.26 0.25
N LEU A 655 9.06 -19.58 0.25
CA LEU A 655 8.42 -19.22 -1.00
C LEU A 655 9.27 -18.21 -1.78
N GLN A 656 9.89 -17.25 -1.08
CA GLN A 656 10.76 -16.30 -1.76
C GLN A 656 11.95 -17.00 -2.40
N GLY A 657 12.57 -17.94 -1.69
CA GLY A 657 13.68 -18.68 -2.27
C GLY A 657 13.26 -19.54 -3.44
N SER A 658 12.06 -20.11 -3.39
CA SER A 658 11.59 -20.93 -4.50
C SER A 658 11.24 -20.09 -5.73
N LEU A 659 10.64 -18.91 -5.52
CA LEU A 659 10.19 -18.07 -6.62
C LEU A 659 11.26 -17.09 -7.09
N SER A 660 12.40 -17.02 -6.43
CA SER A 660 13.46 -16.10 -6.87
C SER A 660 13.99 -16.50 -8.24
N GLY A 661 14.20 -17.79 -8.46
CA GLY A 661 14.67 -18.26 -9.75
C GLY A 661 13.69 -19.19 -10.43
N LEU A 662 13.07 -18.71 -11.52
CA LEU A 662 12.13 -19.52 -12.29
C LEU A 662 12.12 -18.98 -13.71
N GLY A 663 12.82 -19.67 -14.61
CA GLY A 663 12.90 -19.25 -16.00
C GLY A 663 13.95 -18.18 -16.23
N ASN A 664 14.81 -18.37 -17.23
CA ASN A 664 15.88 -17.43 -17.53
C ASN A 664 15.71 -16.78 -18.89
N ASP A 665 15.58 -17.56 -19.96
CA ASP A 665 15.51 -17.00 -21.30
C ASP A 665 14.15 -16.36 -21.59
N GLU A 666 13.08 -16.84 -20.95
CA GLU A 666 11.73 -16.33 -21.18
C GLU A 666 11.10 -16.01 -19.84
N VAL A 667 10.90 -14.70 -19.58
CA VAL A 667 10.22 -14.19 -18.39
C VAL A 667 11.07 -14.41 -17.15
N GLN A 668 11.24 -13.35 -16.36
CA GLN A 668 11.93 -13.42 -15.08
C GLN A 668 10.94 -13.06 -13.97
N VAL A 669 10.85 -13.91 -12.97
CA VAL A 669 9.92 -13.71 -11.86
C VAL A 669 10.68 -13.10 -10.70
N ARG A 670 10.29 -11.88 -10.31
CA ARG A 670 10.89 -11.19 -9.18
C ARG A 670 9.79 -10.76 -8.23
N VAL A 671 9.98 -11.01 -6.94
CA VAL A 671 9.00 -10.63 -5.94
C VAL A 671 9.23 -9.17 -5.56
N VAL A 672 8.15 -8.39 -5.54
CA VAL A 672 8.21 -6.97 -5.22
C VAL A 672 7.64 -6.64 -3.85
N GLY A 673 7.10 -7.63 -3.15
CA GLY A 673 6.54 -7.40 -1.82
C GLY A 673 7.14 -8.32 -0.78
N GLY A 674 6.28 -8.92 0.04
CA GLY A 674 6.74 -9.83 1.08
C GLY A 674 6.51 -9.30 2.47
N GLY A 675 5.46 -9.81 3.14
CA GLY A 675 5.15 -9.40 4.49
C GLY A 675 4.41 -10.49 5.23
N VAL A 676 4.31 -10.33 6.54
CA VAL A 676 3.67 -11.30 7.41
C VAL A 676 2.44 -10.65 8.03
N GLY A 677 1.28 -11.27 7.81
CA GLY A 677 0.02 -10.78 8.32
C GLY A 677 -1.02 -10.77 7.23
N GLY A 678 -2.11 -10.06 7.49
CA GLY A 678 -3.18 -9.96 6.51
C GLY A 678 -2.81 -9.06 5.34
N ILE A 679 -3.67 -9.10 4.33
CA ILE A 679 -3.44 -8.33 3.09
C ILE A 679 -4.00 -6.94 3.33
N THR A 680 -3.15 -6.04 3.82
CA THR A 680 -3.53 -4.66 4.03
C THR A 680 -3.73 -3.96 2.69
N GLU A 681 -4.58 -2.93 2.69
CA GLU A 681 -4.85 -2.19 1.46
C GLU A 681 -3.60 -1.52 0.88
N SER A 682 -2.59 -1.26 1.71
CA SER A 682 -1.32 -0.76 1.18
C SER A 682 -0.67 -1.79 0.27
N ASP A 683 -0.74 -3.06 0.64
CA ASP A 683 -0.19 -4.12 -0.19
C ASP A 683 -0.92 -4.19 -1.53
N ALA A 684 -2.25 -4.08 -1.50
CA ALA A 684 -3.03 -4.10 -2.74
C ALA A 684 -2.72 -2.89 -3.61
N ASN A 685 -2.55 -1.72 -3.00
CA ASN A 685 -2.18 -0.53 -3.75
C ASN A 685 -0.81 -0.69 -4.40
N LEU A 686 0.14 -1.28 -3.67
CA LEU A 686 1.46 -1.53 -4.24
C LEU A 686 1.36 -2.50 -5.41
N ALA A 687 0.56 -3.55 -5.27
CA ALA A 687 0.38 -4.50 -6.37
C ALA A 687 -0.24 -3.83 -7.58
N LEU A 688 -1.24 -2.97 -7.37
CA LEU A 688 -1.86 -2.25 -8.48
C LEU A 688 -0.86 -1.33 -9.16
N ALA A 689 -0.06 -0.60 -8.38
CA ALA A 689 0.91 0.31 -8.97
C ALA A 689 1.97 -0.45 -9.76
N SER A 690 2.42 -1.59 -9.25
CA SER A 690 3.42 -2.40 -9.93
C SER A 690 2.82 -3.37 -10.93
N ASN A 691 1.49 -3.45 -11.01
CA ASN A 691 0.78 -4.37 -11.91
C ASN A 691 1.27 -5.80 -11.70
N ALA A 692 1.17 -6.26 -10.46
CA ALA A 692 1.64 -7.56 -10.04
C ALA A 692 0.46 -8.47 -9.70
N VAL A 693 0.78 -9.67 -9.23
CA VAL A 693 -0.22 -10.69 -8.89
C VAL A 693 -0.16 -10.93 -7.39
N LEU A 694 -1.31 -10.82 -6.73
CA LEU A 694 -1.38 -11.09 -5.30
C LEU A 694 -1.14 -12.58 -5.04
N PHE A 695 -0.66 -12.87 -3.83
CA PHE A 695 -0.44 -14.26 -3.43
C PHE A 695 -0.57 -14.33 -1.91
N GLY A 696 -1.69 -14.84 -1.43
CA GLY A 696 -1.91 -14.98 -0.01
C GLY A 696 -1.78 -16.41 0.47
N PHE A 697 -0.69 -16.72 1.16
CA PHE A 697 -0.47 -18.06 1.70
C PHE A 697 -0.98 -18.09 3.13
N ASN A 698 -2.14 -18.71 3.33
CA ASN A 698 -2.75 -18.87 4.65
C ASN A 698 -3.05 -17.52 5.29
N VAL A 699 -3.35 -16.52 4.47
CA VAL A 699 -3.74 -15.19 4.92
C VAL A 699 -4.85 -14.68 4.02
N ARG A 700 -5.80 -13.96 4.60
CA ARG A 700 -6.94 -13.42 3.87
C ARG A 700 -6.87 -11.91 3.84
N ALA A 701 -7.66 -11.31 2.95
CA ALA A 701 -7.66 -9.87 2.77
C ALA A 701 -8.62 -9.21 3.76
N ASP A 702 -8.40 -7.91 3.98
CA ASP A 702 -9.23 -7.12 4.87
C ASP A 702 -10.35 -6.47 4.07
N ALA A 703 -11.07 -5.54 4.70
CA ALA A 703 -12.16 -4.86 4.01
C ALA A 703 -11.64 -3.92 2.93
N GLY A 704 -10.64 -3.11 3.26
CA GLY A 704 -10.09 -2.19 2.28
C GLY A 704 -9.44 -2.90 1.11
N ALA A 705 -8.72 -3.99 1.38
CA ALA A 705 -8.15 -4.78 0.30
C ALA A 705 -9.24 -5.36 -0.59
N ARG A 706 -10.33 -5.83 0.02
CA ARG A 706 -11.46 -6.33 -0.77
C ARG A 706 -12.03 -5.23 -1.64
N LYS A 707 -12.16 -4.01 -1.10
CA LYS A 707 -12.69 -2.90 -1.88
C LYS A 707 -11.79 -2.58 -3.06
N ILE A 708 -10.47 -2.52 -2.83
CA ILE A 708 -9.54 -2.19 -3.91
C ILE A 708 -9.53 -3.29 -4.97
N VAL A 709 -9.62 -4.56 -4.54
CA VAL A 709 -9.64 -5.66 -5.50
C VAL A 709 -10.93 -5.65 -6.30
N GLU A 710 -12.06 -5.31 -5.66
CA GLU A 710 -13.32 -5.22 -6.39
C GLU A 710 -13.31 -4.08 -7.39
N ALA A 711 -12.70 -2.95 -7.04
CA ALA A 711 -12.68 -1.80 -7.93
C ALA A 711 -11.85 -2.09 -9.18
N GLU A 712 -10.56 -2.37 -9.01
CA GLU A 712 -9.66 -2.61 -10.13
C GLU A 712 -9.61 -4.11 -10.42
N GLY A 713 -8.68 -4.52 -11.29
CA GLY A 713 -8.55 -5.93 -11.61
C GLY A 713 -8.01 -6.74 -10.46
N LEU A 714 -6.73 -6.55 -10.15
CA LEU A 714 -6.09 -7.08 -8.95
C LEU A 714 -6.37 -8.58 -8.77
N ASP A 715 -5.79 -9.36 -9.69
CA ASP A 715 -5.85 -10.82 -9.55
C ASP A 715 -5.34 -11.23 -8.18
N MET A 716 -6.22 -11.76 -7.34
CA MET A 716 -5.90 -12.11 -5.96
C MET A 716 -6.37 -13.55 -5.71
N ARG A 717 -5.42 -14.45 -5.53
CA ARG A 717 -5.70 -15.86 -5.35
C ARG A 717 -5.06 -16.38 -4.07
N TYR A 718 -5.78 -17.21 -3.35
CA TYR A 718 -5.36 -17.73 -2.06
C TYR A 718 -4.77 -19.12 -2.21
N TYR A 719 -3.90 -19.49 -1.26
CA TYR A 719 -3.27 -20.83 -1.30
C TYR A 719 -2.96 -21.27 0.13
N ASN A 720 -2.88 -22.58 0.34
CA ASN A 720 -2.54 -23.16 1.62
C ASN A 720 -1.50 -24.27 1.49
N VAL A 721 -0.84 -24.38 0.34
CA VAL A 721 0.20 -25.37 0.10
C VAL A 721 1.35 -24.68 -0.63
N ILE A 722 2.57 -24.91 -0.15
CA ILE A 722 3.73 -24.26 -0.76
C ILE A 722 3.87 -24.68 -2.22
N TYR A 723 3.75 -25.99 -2.50
CA TYR A 723 4.00 -26.48 -3.85
C TYR A 723 3.02 -25.90 -4.87
N ASP A 724 1.82 -25.53 -4.42
CA ASP A 724 0.80 -25.03 -5.34
C ASP A 724 1.23 -23.73 -6.00
N ILE A 725 1.85 -22.83 -5.24
CA ILE A 725 2.26 -21.55 -5.80
C ILE A 725 3.33 -21.73 -6.87
N ILE A 726 4.33 -22.56 -6.59
CA ILE A 726 5.38 -22.82 -7.59
C ILE A 726 4.78 -23.50 -8.82
N GLU A 727 3.86 -24.46 -8.61
CA GLU A 727 3.24 -25.13 -9.74
C GLU A 727 2.47 -24.14 -10.62
N ASP A 728 1.68 -23.28 -9.99
CA ASP A 728 0.88 -22.32 -10.75
C ASP A 728 1.76 -21.31 -11.48
N VAL A 729 2.83 -20.84 -10.83
CA VAL A 729 3.71 -19.89 -11.49
C VAL A 729 4.45 -20.54 -12.64
N LYS A 730 4.85 -21.82 -12.48
CA LYS A 730 5.50 -22.52 -13.57
C LYS A 730 4.57 -22.66 -14.76
N LYS A 731 3.30 -22.99 -14.52
CA LYS A 731 2.35 -23.08 -15.61
C LYS A 731 2.06 -21.73 -16.23
N ALA A 732 2.05 -20.67 -15.42
CA ALA A 732 1.83 -19.32 -15.95
C ALA A 732 2.97 -18.92 -16.88
N LEU A 733 4.21 -19.22 -16.49
CA LEU A 733 5.33 -18.99 -17.39
C LEU A 733 5.23 -19.86 -18.63
N THR A 734 4.80 -21.11 -18.46
CA THR A 734 4.57 -21.97 -19.63
C THR A 734 3.44 -21.44 -20.50
N GLY A 735 2.35 -21.00 -19.88
CA GLY A 735 1.25 -20.38 -20.60
C GLY A 735 0.03 -21.26 -20.82
N MET A 736 0.04 -22.50 -20.32
CA MET A 736 -1.11 -23.38 -20.50
C MET A 736 -1.68 -23.82 -19.16
N LEU A 737 -1.84 -22.88 -18.23
CA LEU A 737 -2.39 -23.18 -16.93
C LEU A 737 -3.90 -23.41 -17.00
N GLY A 738 -4.42 -24.18 -16.04
CA GLY A 738 -5.85 -24.35 -15.93
C GLY A 738 -6.49 -23.26 -15.10
N SER A 739 -7.78 -23.03 -15.35
CA SER A 739 -8.51 -21.94 -14.72
C SER A 739 -9.60 -22.48 -13.81
N ASP A 740 -9.90 -21.72 -12.76
CA ASP A 740 -10.97 -22.02 -11.81
C ASP A 740 -10.77 -23.39 -11.16
N LEU A 741 -9.70 -23.48 -10.38
CA LEU A 741 -9.34 -24.70 -9.68
C LEU A 741 -9.11 -24.40 -8.20
N ARG A 742 -8.79 -25.44 -7.44
CA ARG A 742 -8.41 -25.36 -6.03
C ARG A 742 -9.52 -24.74 -5.18
N GLU A 743 -10.64 -25.46 -5.14
CA GLU A 743 -11.70 -25.25 -4.17
C GLU A 743 -12.42 -23.92 -4.33
N ASN A 744 -13.41 -23.67 -3.46
CA ASN A 744 -14.18 -22.43 -3.49
C ASN A 744 -14.78 -22.22 -2.11
N ILE A 745 -15.20 -20.97 -1.87
CA ILE A 745 -15.79 -20.58 -0.58
C ILE A 745 -17.30 -20.68 -0.69
N LEU A 746 -17.92 -21.43 0.23
CA LEU A 746 -19.36 -21.65 0.20
C LEU A 746 -20.05 -21.24 1.49
N GLY A 747 -19.35 -20.59 2.42
CA GLY A 747 -20.00 -20.14 3.64
C GLY A 747 -19.06 -19.58 4.69
N ILE A 748 -19.50 -18.51 5.35
CA ILE A 748 -18.72 -17.81 6.37
C ILE A 748 -19.60 -17.60 7.59
N ALA A 749 -19.01 -17.79 8.78
CA ALA A 749 -19.69 -17.53 10.04
C ALA A 749 -18.79 -16.71 10.94
N GLU A 750 -19.38 -15.84 11.74
CA GLU A 750 -18.64 -15.01 12.69
C GLU A 750 -18.99 -15.46 14.11
N VAL A 751 -17.96 -15.74 14.91
CA VAL A 751 -18.15 -16.22 16.27
C VAL A 751 -18.45 -15.03 17.18
N ARG A 752 -19.57 -15.10 17.90
CA ARG A 752 -20.00 -14.02 18.78
C ARG A 752 -19.89 -14.35 20.25
N ASP A 753 -19.93 -15.63 20.62
CA ASP A 753 -19.84 -16.02 22.02
C ASP A 753 -19.30 -17.45 22.09
N VAL A 754 -18.41 -17.69 23.06
CA VAL A 754 -17.79 -18.99 23.26
C VAL A 754 -18.08 -19.42 24.69
N PHE A 755 -18.78 -20.53 24.84
CA PHE A 755 -19.09 -21.10 26.15
C PHE A 755 -18.67 -22.57 26.17
N ARG A 756 -18.10 -23.00 27.29
CA ARG A 756 -17.51 -24.34 27.39
C ARG A 756 -17.90 -24.92 28.75
N SER A 757 -18.91 -25.79 28.75
CA SER A 757 -19.31 -26.47 29.97
C SER A 757 -18.22 -27.48 30.38
N PRO A 758 -18.08 -27.75 31.68
CA PRO A 758 -17.01 -28.65 32.12
C PRO A 758 -17.38 -30.12 31.99
N LYS A 759 -17.99 -30.49 30.86
CA LYS A 759 -18.15 -31.88 30.45
C LYS A 759 -17.63 -32.11 29.04
N PHE A 760 -17.90 -31.19 28.11
CA PHE A 760 -17.29 -31.19 26.79
C PHE A 760 -17.34 -29.75 26.30
N GLY A 761 -16.23 -29.02 26.45
CA GLY A 761 -16.23 -27.63 26.06
C GLY A 761 -15.64 -27.38 24.68
N ALA A 762 -16.50 -27.29 23.68
CA ALA A 762 -16.05 -26.90 22.34
C ALA A 762 -17.07 -26.04 21.60
N ILE A 763 -18.19 -25.67 22.22
CA ILE A 763 -19.27 -25.00 21.50
C ILE A 763 -19.03 -23.50 21.48
N ALA A 764 -19.36 -22.87 20.36
CA ALA A 764 -19.28 -21.42 20.22
C ALA A 764 -20.47 -20.94 19.42
N GLY A 765 -21.11 -19.87 19.88
CA GLY A 765 -22.21 -19.28 19.14
C GLY A 765 -21.69 -18.51 17.93
N CYS A 766 -22.35 -18.72 16.79
CA CYS A 766 -21.91 -18.11 15.54
C CYS A 766 -23.10 -17.56 14.77
N MET A 767 -22.90 -16.41 14.15
CA MET A 767 -23.87 -15.84 13.21
C MET A 767 -23.37 -16.09 11.79
N VAL A 768 -24.16 -16.79 11.00
CA VAL A 768 -23.76 -17.14 9.64
C VAL A 768 -24.03 -15.95 8.74
N THR A 769 -22.99 -15.49 8.03
CA THR A 769 -23.07 -14.33 7.17
C THR A 769 -22.72 -14.71 5.75
N GLU A 770 -23.57 -14.32 4.80
CA GLU A 770 -23.36 -14.49 3.35
C GLU A 770 -22.76 -15.85 3.01
N GLY A 771 -23.51 -16.89 3.34
CA GLY A 771 -23.10 -18.24 3.00
C GLY A 771 -23.89 -19.28 3.75
N MET A 772 -23.58 -20.53 3.45
CA MET A 772 -24.24 -21.68 4.07
C MET A 772 -23.17 -22.60 4.65
N VAL A 773 -23.29 -22.91 5.93
CA VAL A 773 -22.36 -23.80 6.61
C VAL A 773 -23.03 -25.17 6.80
N HIS A 774 -22.29 -26.23 6.49
CA HIS A 774 -22.84 -27.57 6.55
C HIS A 774 -21.94 -28.51 7.35
N ARG A 775 -22.26 -29.80 7.34
CA ARG A 775 -21.55 -30.81 8.11
C ARG A 775 -20.58 -31.64 7.28
N ASN A 776 -20.78 -31.70 5.96
CA ASN A 776 -19.99 -32.57 5.09
C ASN A 776 -18.92 -31.80 4.32
N ARG A 777 -18.29 -30.83 4.97
CA ARG A 777 -17.25 -30.04 4.32
C ARG A 777 -16.25 -29.56 5.35
N PRO A 778 -14.95 -29.58 5.05
CA PRO A 778 -13.95 -29.12 6.00
C PRO A 778 -14.00 -27.61 6.18
N ILE A 779 -13.42 -27.15 7.29
CA ILE A 779 -13.50 -25.75 7.68
C ILE A 779 -12.11 -25.22 8.02
N ARG A 780 -12.00 -23.89 7.99
CA ARG A 780 -10.86 -23.16 8.51
C ARG A 780 -11.36 -22.15 9.54
N VAL A 781 -10.57 -21.97 10.60
CA VAL A 781 -10.84 -20.94 11.60
C VAL A 781 -9.71 -19.93 11.53
N LEU A 782 -10.06 -18.64 11.51
CA LEU A 782 -9.07 -17.60 11.30
C LEU A 782 -9.34 -16.42 12.21
N ARG A 783 -8.24 -15.86 12.74
CA ARG A 783 -8.24 -14.64 13.52
C ARG A 783 -7.38 -13.60 12.81
N ASP A 784 -7.88 -12.37 12.76
CA ASP A 784 -7.16 -11.25 12.12
C ASP A 784 -6.79 -11.56 10.68
N ASP A 785 -7.68 -12.24 9.96
CA ASP A 785 -7.45 -12.64 8.57
C ASP A 785 -6.24 -13.56 8.43
N VAL A 786 -5.95 -14.35 9.46
CA VAL A 786 -4.89 -15.35 9.42
C VAL A 786 -5.45 -16.65 9.99
N VAL A 787 -5.30 -17.74 9.24
CA VAL A 787 -5.84 -19.03 9.65
C VAL A 787 -4.99 -19.61 10.76
N ILE A 788 -5.63 -20.40 11.63
CA ILE A 788 -4.93 -21.00 12.76
C ILE A 788 -5.10 -22.51 12.76
N PHE A 789 -6.21 -22.98 12.19
CA PHE A 789 -6.50 -24.41 12.21
C PHE A 789 -7.44 -24.76 11.06
N GLU A 790 -7.20 -25.93 10.44
CA GLU A 790 -8.01 -26.40 9.31
C GLU A 790 -8.29 -27.89 9.53
N GLY A 791 -9.44 -28.18 10.15
CA GLY A 791 -9.83 -29.55 10.41
C GLY A 791 -11.17 -29.93 9.80
N GLU A 792 -12.11 -30.34 10.64
CA GLU A 792 -13.44 -30.72 10.19
C GLU A 792 -14.45 -30.29 11.24
N LEU A 793 -15.72 -30.28 10.85
CA LEU A 793 -16.80 -29.83 11.72
C LEU A 793 -17.34 -31.02 12.51
N GLU A 794 -17.30 -30.90 13.84
CA GLU A 794 -17.76 -31.98 14.71
C GLU A 794 -19.25 -31.89 15.01
N SER A 795 -19.75 -30.71 15.39
CA SER A 795 -21.15 -30.58 15.75
C SER A 795 -21.64 -29.18 15.42
N LEU A 796 -22.94 -29.09 15.14
CA LEU A 796 -23.61 -27.81 14.93
C LEU A 796 -25.07 -27.97 15.30
N ARG A 797 -25.60 -27.03 16.06
CA ARG A 797 -26.97 -27.19 16.56
C ARG A 797 -27.63 -25.85 16.80
N ARG A 798 -28.96 -25.84 16.74
CA ARG A 798 -29.77 -24.65 16.99
C ARG A 798 -30.82 -25.00 18.04
N PHE A 799 -30.93 -24.16 19.07
CA PHE A 799 -31.87 -24.36 20.17
C PHE A 799 -31.72 -25.76 20.77
N LYS A 800 -30.46 -26.18 20.93
CA LYS A 800 -30.09 -27.49 21.45
C LYS A 800 -30.57 -28.65 20.57
N ASP A 801 -31.11 -28.35 19.39
CA ASP A 801 -31.55 -29.38 18.46
C ASP A 801 -30.46 -29.62 17.43
N ASP A 802 -30.10 -30.89 17.23
CA ASP A 802 -28.97 -31.26 16.38
C ASP A 802 -29.38 -31.23 14.91
N VAL A 803 -29.56 -30.00 14.41
CA VAL A 803 -29.79 -29.82 12.98
C VAL A 803 -28.50 -30.04 12.22
N ALA A 804 -28.63 -30.37 10.93
CA ALA A 804 -27.50 -30.67 10.08
C ALA A 804 -27.37 -29.70 8.90
N GLU A 805 -28.05 -28.56 8.95
CA GLU A 805 -27.99 -27.59 7.87
C GLU A 805 -28.38 -26.23 8.42
N VAL A 806 -27.49 -25.25 8.31
CA VAL A 806 -27.75 -23.89 8.75
C VAL A 806 -27.75 -22.99 7.51
N ARG A 807 -28.83 -22.23 7.35
CA ARG A 807 -29.00 -21.39 6.16
C ARG A 807 -28.19 -20.11 6.30
N ALA A 808 -28.42 -19.16 5.39
CA ALA A 808 -27.72 -17.89 5.40
C ALA A 808 -28.45 -16.89 6.29
N GLY A 809 -27.67 -16.09 7.01
CA GLY A 809 -28.23 -15.11 7.93
C GLY A 809 -28.73 -15.68 9.24
N MET A 810 -28.57 -16.99 9.47
CA MET A 810 -29.07 -17.63 10.68
C MET A 810 -28.09 -17.50 11.83
N GLU A 811 -28.36 -18.21 12.92
CA GLU A 811 -27.46 -18.26 14.06
C GLU A 811 -27.46 -19.68 14.59
N CYS A 812 -26.28 -20.16 14.98
CA CYS A 812 -26.11 -21.57 15.34
C CYS A 812 -25.05 -21.69 16.42
N GLY A 813 -24.82 -22.92 16.87
CA GLY A 813 -23.72 -23.23 17.76
C GLY A 813 -22.83 -24.28 17.15
N ILE A 814 -21.55 -23.93 16.94
CA ILE A 814 -20.60 -24.76 16.21
C ILE A 814 -19.53 -25.26 17.16
N GLY A 815 -19.18 -26.54 17.03
CA GLY A 815 -18.08 -27.13 17.76
C GLY A 815 -17.18 -27.93 16.84
N VAL A 816 -15.88 -27.63 16.86
CA VAL A 816 -14.91 -28.23 15.96
C VAL A 816 -14.17 -29.34 16.70
N LYS A 817 -13.94 -30.45 16.00
CA LYS A 817 -13.34 -31.64 16.61
C LYS A 817 -11.87 -31.41 16.92
N SER A 818 -11.45 -31.86 18.11
CA SER A 818 -10.03 -31.88 18.50
C SER A 818 -9.41 -30.49 18.47
N TYR A 819 -10.21 -29.48 18.82
CA TYR A 819 -9.71 -28.11 18.92
C TYR A 819 -10.70 -27.31 19.74
N ASN A 820 -10.25 -26.82 20.91
CA ASN A 820 -11.06 -25.93 21.75
C ASN A 820 -10.21 -24.71 22.11
N ASP A 821 -10.18 -23.73 21.21
CA ASP A 821 -9.48 -22.49 21.47
C ASP A 821 -10.19 -21.28 20.88
N VAL A 822 -11.43 -21.44 20.40
CA VAL A 822 -12.12 -20.34 19.73
C VAL A 822 -12.43 -19.24 20.72
N LYS A 823 -12.32 -17.99 20.25
CA LYS A 823 -12.57 -16.81 21.05
C LYS A 823 -13.64 -15.97 20.37
N VAL A 824 -13.94 -14.80 20.96
CA VAL A 824 -14.90 -13.91 20.33
C VAL A 824 -14.26 -13.24 19.12
N GLY A 825 -15.12 -12.84 18.18
CA GLY A 825 -14.66 -12.15 16.99
C GLY A 825 -13.75 -12.97 16.10
N ASP A 826 -14.05 -14.25 15.93
CA ASP A 826 -13.28 -15.11 15.03
C ASP A 826 -13.97 -15.14 13.67
N LYS A 827 -13.44 -15.93 12.75
CA LYS A 827 -14.16 -16.26 11.52
C LYS A 827 -14.00 -17.74 11.23
N ILE A 828 -15.07 -18.34 10.71
CA ILE A 828 -15.06 -19.75 10.31
C ILE A 828 -15.53 -19.81 8.86
N GLU A 829 -14.67 -20.34 7.99
CA GLU A 829 -14.97 -20.51 6.58
C GLU A 829 -15.14 -21.99 6.26
N VAL A 830 -16.12 -22.32 5.44
CA VAL A 830 -16.37 -23.69 5.03
C VAL A 830 -16.15 -23.78 3.52
N PHE A 831 -15.38 -24.77 3.10
CA PHE A 831 -14.94 -24.88 1.72
C PHE A 831 -15.01 -26.33 1.27
N GLU A 832 -15.07 -26.53 -0.04
CA GLU A 832 -15.13 -27.85 -0.65
C GLU A 832 -14.08 -27.92 -1.75
N LYS A 833 -13.29 -29.00 -1.75
CA LYS A 833 -12.28 -29.21 -2.78
C LYS A 833 -12.98 -29.64 -4.05
N VAL A 834 -13.19 -28.69 -4.97
CA VAL A 834 -13.91 -28.92 -6.21
C VAL A 834 -12.91 -28.82 -7.37
N GLU A 835 -12.93 -29.82 -8.24
CA GLU A 835 -12.05 -29.83 -9.40
C GLU A 835 -12.84 -30.10 -10.68
PB GDP B . 4.12 8.58 14.20
O1B GDP B . 3.88 9.78 13.34
O2B GDP B . 2.95 7.62 14.05
O3B GDP B . 5.39 7.89 13.77
O3A GDP B . 4.26 9.03 15.74
PA GDP B . 5.39 10.08 16.16
O1A GDP B . 6.60 9.94 15.27
O2A GDP B . 4.85 11.49 16.11
O5' GDP B . 5.75 9.68 17.67
C5' GDP B . 7.11 9.76 18.10
C4' GDP B . 7.18 9.80 19.62
O4' GDP B . 8.52 9.54 20.00
C3' GDP B . 6.80 11.17 20.15
O3' GDP B . 5.73 11.05 21.09
C2' GDP B . 8.04 11.71 20.84
O2' GDP B . 7.74 12.05 22.19
C1' GDP B . 9.07 10.60 20.80
N9 GDP B . 10.31 11.08 20.13
C8 GDP B . 10.39 11.53 18.86
N7 GDP B . 11.65 11.89 18.56
C5 GDP B . 12.42 11.67 19.65
C6 GDP B . 13.85 11.83 20.00
O6 GDP B . 14.67 12.27 19.18
N1 GDP B . 14.22 11.47 21.24
C2 GDP B . 13.35 10.99 22.15
N2 GDP B . 13.82 10.66 23.38
N3 GDP B . 12.03 10.82 21.89
C4 GDP B . 11.52 11.13 20.68
#